data_4P4Z
#
_entry.id   4P4Z
#
_cell.length_a   63.310
_cell.length_b   63.310
_cell.length_c   126.710
_cell.angle_alpha   90.00
_cell.angle_beta   90.00
_cell.angle_gamma   90.00
#
_symmetry.space_group_name_H-M   'P 43 21 2'
#
loop_
_entity.id
_entity.type
_entity.pdbx_description
1 polymer 'CYCLIC HEXADECAPEPTIDE (ORN)YLL(PHI)YTE(ORN)KVT(MVA)TVK'
2 non-polymer 'PHOSPHATE ION'
3 non-polymer 'SODIUM ION'
4 water water
#
_entity_poly.entity_id   1
_entity_poly.type   'polypeptide(L)'
_entity_poly.pdbx_seq_one_letter_code
;(ORN)YLL(PHI)YTE(ORN)KVT(MVA)TVK
;
_entity_poly.pdbx_strand_id   A,B,C,D,E,F,G,H,I,J,K,L
#
# COMPACT_ATOMS: atom_id res chain seq x y z
N TYR A 2 16.05 7.59 -9.84
CA TYR A 2 14.88 7.42 -10.71
C TYR A 2 13.78 8.29 -10.09
N LEU A 3 12.78 8.60 -10.90
CA LEU A 3 11.62 9.33 -10.42
C LEU A 3 10.65 8.35 -9.76
N LEU A 4 10.39 8.58 -8.48
CA LEU A 4 9.53 7.75 -7.66
C LEU A 4 8.22 8.50 -7.45
N TYR A 6 4.83 8.79 -5.62
CA TYR A 6 4.05 8.39 -4.46
C TYR A 6 2.62 8.83 -4.71
N THR A 7 1.79 7.89 -5.12
CA THR A 7 0.44 8.22 -5.53
C THR A 7 -0.58 8.04 -4.42
N GLU A 8 -1.53 8.96 -4.37
CA GLU A 8 -2.68 8.85 -3.47
C GLU A 8 -3.97 8.66 -4.26
N LYS A 10 -3.91 12.84 -6.61
CA LYS A 10 -2.64 13.51 -6.38
C LYS A 10 -1.47 12.57 -6.29
N VAL A 11 -0.32 13.05 -6.71
N VAL A 11 -0.30 13.06 -6.66
CA VAL A 11 0.94 12.30 -6.63
CA VAL A 11 0.94 12.30 -6.63
C VAL A 11 2.05 13.23 -6.17
C VAL A 11 2.11 13.20 -6.28
N THR A 12 3.05 12.68 -5.49
CA THR A 12 4.28 13.39 -5.18
C THR A 12 5.34 12.81 -6.11
N THR A 14 9.09 12.27 -6.54
N THR A 14 9.11 12.27 -6.55
CA THR A 14 10.35 12.38 -5.85
CA THR A 14 10.37 12.46 -5.83
C THR A 14 11.50 11.99 -6.77
C THR A 14 11.56 11.87 -6.59
N VAL A 15 12.66 12.60 -6.58
CA VAL A 15 13.88 12.16 -7.24
C VAL A 15 14.62 11.25 -6.27
N LYS A 16 14.57 9.96 -6.47
CA LYS A 16 15.11 8.92 -5.60
C LYS A 16 16.43 8.42 -6.19
N TYR B 2 12.20 16.85 -4.97
CA TYR B 2 10.99 16.46 -5.67
C TYR B 2 10.81 17.40 -6.85
N LEU B 3 9.94 17.02 -7.76
CA LEU B 3 9.63 17.87 -8.90
C LEU B 3 8.53 18.83 -8.51
N LEU B 4 8.86 20.11 -8.61
CA LEU B 4 7.98 21.21 -8.23
C LEU B 4 7.52 21.90 -9.50
N TYR B 6 5.50 24.85 -11.31
CA TYR B 6 4.96 26.20 -11.18
C TYR B 6 4.02 26.46 -12.35
N THR B 7 2.73 26.42 -12.09
CA THR B 7 1.74 26.47 -13.17
C THR B 7 1.16 27.86 -13.33
N GLU B 8 1.00 28.26 -14.59
CA GLU B 8 0.28 29.50 -14.92
C GLU B 8 -1.01 29.23 -15.66
N LYS B 10 0.84 27.32 -19.51
CA LYS B 10 2.25 27.04 -19.32
C LYS B 10 2.58 26.57 -17.91
N VAL B 11 3.66 25.81 -17.81
N VAL B 11 3.67 25.81 -17.82
CA VAL B 11 4.17 25.34 -16.55
CA VAL B 11 4.19 25.35 -16.54
C VAL B 11 5.71 25.40 -16.60
C VAL B 11 5.72 25.36 -16.60
N THR B 12 6.32 25.65 -15.45
CA THR B 12 7.77 25.54 -15.30
C THR B 12 8.03 24.31 -14.44
N THR B 14 10.53 22.24 -12.09
CA THR B 14 11.81 22.38 -11.41
C THR B 14 12.08 21.19 -10.52
N VAL B 15 13.34 21.03 -10.17
CA VAL B 15 13.77 20.04 -9.19
C VAL B 15 14.10 20.80 -7.92
N LYS B 16 13.35 20.52 -6.88
CA LYS B 16 13.51 21.20 -5.59
C LYS B 16 14.02 20.19 -4.60
N TYR C 2 -4.82 20.18 -23.40
CA TYR C 2 -3.66 20.47 -22.58
C TYR C 2 -3.49 19.40 -21.53
N LEU C 3 -2.24 19.17 -21.10
CA LEU C 3 -1.99 18.56 -19.80
C LEU C 3 -1.80 19.70 -18.82
N LEU C 4 -2.59 19.63 -17.75
CA LEU C 4 -2.61 20.65 -16.72
C LEU C 4 -2.11 20.06 -15.40
N TYR C 6 -2.20 20.81 -11.50
N TYR C 6 -2.15 20.78 -11.44
CA TYR C 6 -2.71 21.50 -10.33
CA TYR C 6 -2.81 21.44 -10.30
C TYR C 6 -1.79 21.10 -9.20
C TYR C 6 -2.08 21.10 -9.01
N THR C 7 -1.32 22.05 -8.44
CA THR C 7 -0.32 21.71 -7.44
C THR C 7 -0.55 22.33 -6.08
N GLU C 8 -0.22 21.54 -5.06
CA GLU C 8 -0.09 22.01 -3.68
C GLU C 8 1.33 22.45 -3.32
N LYS C 10 2.41 17.76 -3.52
CA LYS C 10 1.63 16.99 -4.44
C LYS C 10 1.18 17.77 -5.67
N VAL C 11 0.95 17.02 -6.75
CA VAL C 11 0.45 17.57 -8.01
C VAL C 11 -0.63 16.61 -8.53
N THR C 12 -1.63 17.19 -9.22
CA THR C 12 -2.65 16.43 -9.89
C THR C 12 -2.45 16.67 -11.37
N THR C 14 -4.02 16.54 -15.13
N THR C 14 -4.08 16.51 -15.10
CA THR C 14 -5.28 16.42 -15.82
CA THR C 14 -5.31 16.25 -15.85
C THR C 14 -5.06 16.55 -17.33
C THR C 14 -5.19 16.65 -17.30
N VAL C 15 -5.92 15.92 -18.13
CA VAL C 15 -6.02 16.18 -19.54
C VAL C 15 -7.29 16.99 -19.73
N LYS C 16 -7.15 18.15 -20.23
CA LYS C 16 -8.29 19.01 -20.59
C LYS C 16 -8.23 19.35 -22.06
N TYR D 2 -7.74 12.19 -15.83
CA TYR D 2 -6.50 12.31 -15.07
C TYR D 2 -5.43 11.50 -15.76
N LEU D 3 -4.17 11.89 -15.54
CA LEU D 3 -3.04 10.98 -15.70
C LEU D 3 -2.80 10.40 -14.33
N LEU D 4 -2.83 9.09 -14.27
CA LEU D 4 -2.70 8.32 -13.05
C LEU D 4 -1.41 7.51 -13.09
N TYR D 6 0.31 4.38 -11.77
CA TYR D 6 0.17 3.10 -11.09
C TYR D 6 1.59 2.53 -10.94
N THR D 7 2.04 2.35 -9.72
CA THR D 7 3.47 2.21 -9.49
C THR D 7 3.85 0.98 -8.67
N GLU D 8 4.91 0.32 -9.12
CA GLU D 8 5.62 -0.71 -8.35
C GLU D 8 6.75 -0.18 -7.48
N LYS D 10 9.25 0.67 -11.46
CA LYS D 10 8.47 1.02 -12.64
C LYS D 10 7.11 1.60 -12.35
N VAL D 11 6.58 2.31 -13.33
CA VAL D 11 5.28 2.93 -13.24
C VAL D 11 4.53 2.78 -14.57
N THR D 12 3.21 2.61 -14.51
CA THR D 12 2.37 2.69 -15.69
C THR D 12 1.71 4.07 -15.68
N THR D 14 -1.32 5.96 -16.76
CA THR D 14 -2.61 5.66 -17.34
C THR D 14 -3.43 6.92 -17.55
N VAL D 15 -4.13 7.02 -18.66
CA VAL D 15 -5.04 8.13 -18.91
C VAL D 15 -6.43 7.65 -18.55
N LYS D 16 -7.08 8.20 -17.61
CA LYS D 16 -8.41 7.78 -17.21
C LYS D 16 -9.30 8.99 -17.14
N TYR E 2 9.55 -11.52 -2.57
CA TYR E 2 8.95 -10.54 -1.68
C TYR E 2 7.56 -10.25 -2.16
N LEU E 3 6.77 -9.72 -1.25
CA LEU E 3 5.43 -9.23 -1.59
C LEU E 3 5.57 -7.86 -2.23
N LEU E 4 4.95 -7.70 -3.40
CA LEU E 4 4.97 -6.46 -4.13
C LEU E 4 3.58 -5.86 -4.12
N TYR E 6 1.56 -3.20 -5.99
CA TYR E 6 1.47 -2.38 -7.18
C TYR E 6 0.27 -1.47 -6.97
N THR E 7 0.55 -0.19 -6.71
CA THR E 7 -0.44 0.70 -6.10
C THR E 7 -0.94 1.75 -7.12
N GLU E 8 -2.25 1.93 -7.13
CA GLU E 8 -2.89 3.08 -7.78
C GLU E 8 -3.12 4.24 -6.81
N LYS E 10 -6.63 1.74 -4.81
CA LYS E 10 -6.46 0.31 -4.97
C LYS E 10 -5.01 -0.10 -5.02
N VAL E 11 -4.78 -1.37 -4.69
CA VAL E 11 -3.47 -1.99 -4.80
C VAL E 11 -3.65 -3.42 -5.31
N THR E 12 -2.64 -3.92 -6.04
CA THR E 12 -2.63 -5.31 -6.47
C THR E 12 -1.46 -5.97 -5.76
N THR E 14 1.21 -9.02 -5.21
CA THR E 14 1.76 -10.26 -5.78
C THR E 14 2.96 -10.73 -4.99
N VAL E 15 3.27 -12.01 -5.17
CA VAL E 15 4.52 -12.59 -4.70
C VAL E 15 5.52 -12.58 -5.84
N LYS E 16 6.58 -11.85 -5.70
CA LYS E 16 7.59 -11.70 -6.75
C LYS E 16 8.88 -12.35 -6.25
N TYR F 2 -7.80 5.06 4.58
N TYR F 2 -7.76 4.98 4.64
CA TYR F 2 -7.24 4.02 3.72
CA TYR F 2 -7.35 3.82 3.88
C TYR F 2 -5.89 3.59 4.29
C TYR F 2 -5.86 3.62 4.02
N LEU F 3 -5.45 2.37 3.98
CA LEU F 3 -4.05 2.02 4.04
C LEU F 3 -3.47 2.24 2.66
N LEU F 4 -2.49 3.14 2.60
N LEU F 4 -2.39 3.01 2.63
CA LEU F 4 -1.75 3.44 1.39
CA LEU F 4 -1.78 3.50 1.42
C LEU F 4 -0.43 2.72 1.45
C LEU F 4 -0.38 2.92 1.37
N TYR F 6 2.95 2.89 -0.02
CA TYR F 6 3.90 3.72 -0.75
C TYR F 6 5.14 2.89 -1.08
N THR F 7 5.05 2.17 -2.17
CA THR F 7 6.08 1.25 -2.59
C THR F 7 7.27 1.97 -3.22
N GLU F 8 8.46 1.47 -2.93
CA GLU F 8 9.70 1.90 -3.57
C GLU F 8 10.46 0.75 -4.21
N LYS F 10 10.99 -2.27 -0.92
CA LYS F 10 10.50 -1.74 0.36
C LYS F 10 9.22 -0.95 0.17
N VAL F 11 8.39 -0.89 1.22
CA VAL F 11 7.12 -0.19 1.17
C VAL F 11 6.89 0.46 2.54
N THR F 12 6.27 1.65 2.50
CA THR F 12 5.78 2.26 3.73
C THR F 12 4.28 2.05 3.78
N THR F 14 1.05 3.44 5.11
CA THR F 14 0.59 4.64 5.78
C THR F 14 -0.92 4.57 6.03
N VAL F 15 -1.37 5.05 7.17
CA VAL F 15 -2.80 5.19 7.42
C VAL F 15 -3.22 6.57 6.98
N LYS F 16 -3.98 6.75 5.88
CA LYS F 16 -4.46 8.04 5.42
C LYS F 16 -5.95 8.11 5.63
N TYR G 2 7.69 -18.69 6.15
CA TYR G 2 7.33 -17.53 6.95
C TYR G 2 7.28 -16.30 6.06
N LEU G 3 6.47 -15.32 6.40
CA LEU G 3 6.69 -13.96 5.94
C LEU G 3 7.55 -13.23 6.95
N LEU G 4 8.66 -12.66 6.50
CA LEU G 4 9.57 -11.88 7.31
C LEU G 4 9.42 -10.41 6.97
N TYR G 6 11.19 -7.28 7.14
CA TYR G 6 12.51 -6.66 7.28
C TYR G 6 12.34 -5.15 7.37
N THR G 7 12.02 -4.69 8.57
CA THR G 7 11.73 -3.29 8.81
C THR G 7 13.00 -2.44 8.83
N GLU G 8 12.89 -1.23 8.27
CA GLU G 8 13.92 -0.19 8.34
C GLU G 8 13.38 1.10 8.93
N LYS G 10 9.88 2.19 6.37
CA LYS G 10 9.75 1.27 5.25
C LYS G 10 10.03 -0.16 5.70
N VAL G 11 9.45 -1.13 4.99
CA VAL G 11 9.65 -2.54 5.29
C VAL G 11 9.71 -3.35 4.00
N THR G 12 10.58 -4.37 3.96
CA THR G 12 10.53 -5.34 2.88
C THR G 12 9.78 -6.58 3.38
N THR G 14 9.32 -10.30 2.94
CA THR G 14 9.97 -11.38 2.20
C THR G 14 9.33 -12.71 2.56
N VAL G 15 9.13 -13.59 1.59
CA VAL G 15 8.66 -14.94 1.82
C VAL G 15 9.87 -15.83 2.03
N LYS G 16 10.10 -16.43 3.21
CA LYS G 16 11.22 -17.34 3.44
C LYS G 16 10.63 -18.68 3.79
N TYR H 2 1.87 5.35 10.41
CA TYR H 2 2.22 4.20 9.58
C TYR H 2 2.13 2.95 10.42
N LEU H 3 2.04 1.82 9.73
CA LEU H 3 2.10 0.52 10.38
C LEU H 3 3.55 0.20 10.62
N LEU H 4 3.87 -0.13 11.86
CA LEU H 4 5.22 -0.45 12.29
C LEU H 4 5.29 -1.95 12.60
N TYR H 6 7.51 -4.55 14.45
CA TYR H 6 8.61 -4.75 15.38
C TYR H 6 8.89 -6.23 15.37
N THR H 7 9.98 -6.62 14.72
CA THR H 7 10.19 -8.01 14.31
C THR H 7 11.23 -8.69 15.20
N GLU H 8 10.91 -9.93 15.58
CA GLU H 8 11.88 -10.82 16.22
C GLU H 8 12.48 -11.80 15.22
N LYS H 10 8.36 -14.11 14.96
CA LYS H 10 7.25 -13.30 15.41
C LYS H 10 7.45 -11.83 15.08
N VAL H 11 6.31 -11.16 14.97
CA VAL H 11 6.30 -9.72 14.71
C VAL H 11 5.15 -9.11 15.52
N THR H 12 5.33 -7.86 15.95
CA THR H 12 4.26 -7.12 16.62
C THR H 12 3.87 -5.98 15.68
N THR H 14 2.00 -2.46 14.99
CA THR H 14 1.33 -1.35 15.66
C THR H 14 1.05 -0.24 14.67
N VAL H 15 0.10 0.61 15.04
CA VAL H 15 -0.18 1.83 14.32
C VAL H 15 0.56 3.00 15.00
N LYS H 16 1.60 3.54 14.35
CA LYS H 16 2.49 4.55 14.92
C LYS H 16 2.17 5.86 14.21
N TYR I 2 -2.89 -20.42 1.88
N TYR I 2 -2.85 -20.45 1.88
CA TYR I 2 -3.39 -19.24 2.55
CA TYR I 2 -3.32 -19.31 2.65
C TYR I 2 -2.36 -18.73 3.53
C TYR I 2 -2.14 -18.65 3.30
N LEU I 3 -2.38 -17.42 3.75
CA LEU I 3 -1.56 -16.81 4.77
C LEU I 3 -2.25 -17.11 6.08
N LEU I 4 -1.49 -17.71 7.00
N LEU I 4 -1.45 -17.61 7.03
CA LEU I 4 -1.96 -18.04 8.35
CA LEU I 4 -1.94 -18.01 8.33
C LEU I 4 -1.34 -17.07 9.34
C LEU I 4 -1.29 -17.21 9.45
N TYR I 6 -0.64 -16.97 13.24
N TYR I 6 -0.64 -17.01 13.20
CA TYR I 6 -0.57 -17.70 14.52
CA TYR I 6 -0.60 -17.64 14.51
C TYR I 6 -0.27 -16.67 15.62
C TYR I 6 -0.37 -16.50 15.47
N THR I 7 -1.30 -16.33 16.40
CA THR I 7 -1.34 -15.13 17.21
C THR I 7 -1.18 -15.42 18.71
N GLU I 8 -0.32 -14.63 19.35
CA GLU I 8 -0.27 -14.57 20.81
C GLU I 8 -1.16 -13.48 21.37
N LYS I 10 2.09 -10.35 19.77
CA LYS I 10 2.85 -10.85 18.64
C LYS I 10 2.02 -11.78 17.77
N VAL I 11 2.48 -11.91 16.51
CA VAL I 11 1.89 -12.84 15.56
C VAL I 11 3.01 -13.42 14.70
N THR I 12 2.81 -14.64 14.22
CA THR I 12 3.73 -15.31 13.31
C THR I 12 3.00 -15.47 11.99
N THR I 14 2.65 -17.18 8.31
CA THR I 14 3.19 -18.22 7.45
C THR I 14 2.34 -18.40 6.22
N VAL I 15 2.94 -18.99 5.20
CA VAL I 15 2.23 -19.40 4.00
C VAL I 15 2.08 -20.90 4.07
N LYS I 16 0.81 -21.28 4.10
CA LYS I 16 0.60 -22.71 4.05
C LYS I 16 -0.27 -23.09 2.87
N TYR J 2 -2.43 -1.65 18.50
N TYR J 2 -2.40 -1.66 18.42
CA TYR J 2 -1.94 -2.88 17.85
CA TYR J 2 -1.75 -2.73 17.68
C TYR J 2 -2.91 -3.27 16.77
C TYR J 2 -2.80 -3.43 16.82
N LEU J 3 -2.43 -4.01 15.79
N LEU J 3 -2.35 -3.97 15.70
CA LEU J 3 -3.29 -4.81 14.90
CA LEU J 3 -3.20 -4.81 14.87
C LEU J 3 -3.37 -6.22 15.46
C LEU J 3 -3.25 -6.18 15.53
N LEU J 4 -4.57 -6.62 15.91
N LEU J 4 -4.47 -6.72 15.59
CA LEU J 4 -4.82 -7.96 16.39
CA LEU J 4 -4.75 -7.91 16.36
C LEU J 4 -5.38 -8.83 15.27
C LEU J 4 -5.48 -8.87 15.45
N TYR J 6 -7.41 -11.91 14.80
CA TYR J 6 -8.30 -12.91 15.41
C TYR J 6 -8.57 -14.02 14.40
N THR J 7 -7.67 -14.97 14.38
CA THR J 7 -7.72 -16.05 13.43
C THR J 7 -8.73 -17.11 13.80
N GLU J 8 -9.40 -17.65 12.78
CA GLU J 8 -10.27 -18.80 12.92
C GLU J 8 -9.80 -19.94 12.05
N LYS J 10 -9.99 -18.03 7.93
CA LYS J 10 -10.45 -16.65 7.91
C LYS J 10 -9.87 -15.96 9.14
N VAL J 11 -9.73 -14.64 9.06
CA VAL J 11 -9.18 -13.86 10.13
C VAL J 11 -9.86 -12.48 10.19
N THR J 12 -10.09 -11.98 11.40
CA THR J 12 -10.56 -10.61 11.54
C THR J 12 -9.35 -9.75 11.91
N THR J 14 -8.20 -6.58 13.62
CA THR J 14 -8.79 -5.50 14.41
C THR J 14 -7.72 -4.52 14.80
N VAL J 15 -8.05 -3.24 14.81
CA VAL J 15 -7.15 -2.22 15.33
C VAL J 15 -7.52 -1.96 16.78
N LYS J 16 -6.68 -2.37 17.74
CA LYS J 16 -6.95 -2.23 19.17
C LYS J 16 -5.97 -1.22 19.73
N TYR K 2 -11.65 -2.17 12.32
CA TYR K 2 -11.00 -3.33 11.74
C TYR K 2 -10.57 -2.96 10.33
N LEU K 3 -9.66 -3.75 9.77
CA LEU K 3 -9.27 -3.59 8.38
C LEU K 3 -10.29 -4.26 7.49
N LEU K 4 -10.93 -3.43 6.69
CA LEU K 4 -11.98 -3.78 5.75
C LEU K 4 -11.41 -3.77 4.33
N TYR K 6 -11.97 -4.16 0.36
CA TYR K 6 -12.92 -4.12 -0.76
C TYR K 6 -12.24 -4.71 -1.98
N THR K 7 -12.62 -5.92 -2.34
CA THR K 7 -11.91 -6.64 -3.41
C THR K 7 -12.67 -6.60 -4.74
N GLU K 8 -11.96 -6.41 -5.85
N GLU K 8 -11.91 -6.47 -5.82
CA GLU K 8 -12.60 -6.62 -7.15
CA GLU K 8 -12.44 -6.55 -7.17
C GLU K 8 -12.02 -7.84 -7.87
C GLU K 8 -11.91 -7.76 -7.90
N LYS K 10 -7.32 -6.35 -7.91
CA LYS K 10 -7.12 -5.18 -7.09
C LYS K 10 -7.97 -5.23 -5.83
N VAL K 11 -7.48 -4.60 -4.78
N VAL K 11 -7.48 -4.57 -4.79
CA VAL K 11 -8.18 -4.47 -3.51
CA VAL K 11 -8.18 -4.47 -3.51
C VAL K 11 -7.95 -3.07 -2.94
C VAL K 11 -7.91 -3.09 -2.88
N THR K 12 -8.91 -2.55 -2.19
CA THR K 12 -8.78 -1.32 -1.45
C THR K 12 -8.75 -1.71 0.03
N THR K 14 -9.12 -0.52 3.84
CA THR K 14 -9.59 0.61 4.63
C THR K 14 -9.60 0.26 6.10
N VAL K 15 -9.54 1.29 6.93
CA VAL K 15 -9.65 1.16 8.38
C VAL K 15 -11.05 1.61 8.75
N LYS K 16 -11.90 0.63 9.10
CA LYS K 16 -13.32 0.86 9.37
C LYS K 16 -13.50 0.81 10.87
N TYR L 2 -0.79 -14.05 -7.10
CA TYR L 2 -1.48 -12.98 -6.41
C TYR L 2 -1.69 -13.36 -4.97
N LEU L 3 -1.75 -12.36 -4.12
CA LEU L 3 -2.43 -12.46 -2.85
C LEU L 3 -3.84 -11.93 -3.06
N LEU L 4 -4.81 -12.81 -2.77
CA LEU L 4 -6.22 -12.52 -2.95
C LEU L 4 -6.88 -12.42 -1.59
N TYR L 6 -10.49 -12.72 0.08
CA TYR L 6 -11.90 -13.06 0.02
C TYR L 6 -12.49 -12.63 1.32
N THR L 7 -13.58 -11.89 1.31
N THR L 7 -13.62 -11.95 1.27
CA THR L 7 -14.08 -11.35 2.56
CA THR L 7 -14.09 -11.18 2.43
C THR L 7 -15.58 -11.45 2.76
C THR L 7 -15.59 -11.37 2.75
N GLU L 8 -15.89 -11.57 4.03
CA GLU L 8 -17.26 -11.48 4.57
C GLU L 8 -17.58 -10.08 5.06
N LYS L 10 -14.56 -10.83 8.66
CA LYS L 10 -13.43 -11.70 8.37
C LYS L 10 -12.95 -11.63 6.93
N VAL L 11 -11.66 -11.94 6.77
CA VAL L 11 -11.05 -12.04 5.44
C VAL L 11 -10.24 -13.33 5.38
N THR L 12 -10.15 -13.89 4.16
CA THR L 12 -9.31 -15.04 3.89
C THR L 12 -8.19 -14.50 3.01
N THR L 14 -5.53 -15.58 0.43
CA THR L 14 -5.16 -16.71 -0.38
C THR L 14 -3.97 -16.35 -1.27
N VAL L 15 -3.02 -17.25 -1.40
CA VAL L 15 -1.96 -17.15 -2.38
C VAL L 15 -2.36 -17.97 -3.58
N LYS L 16 -2.52 -17.38 -4.74
CA LYS L 16 -2.87 -18.07 -5.98
C LYS L 16 -1.88 -17.69 -7.07
#